data_6RSV
#
_entry.id   6RSV
#
_cell.length_a   45.400
_cell.length_b   73.269
_cell.length_c   52.947
_cell.angle_alpha   90.00
_cell.angle_beta   109.75
_cell.angle_gamma   90.00
#
_symmetry.space_group_name_H-M   'P 1 21 1'
#
loop_
_entity.id
_entity.type
_entity.pdbx_description
1 polymer Endothiapepsin
2 non-polymer GLYCEROL
3 non-polymer [(1~{R})-1-[1-(phenylmethyl)-1,2,3,4-tetrazol-5-yl]butyl]diazane
4 non-polymer 'DIMETHYL SULFOXIDE'
5 non-polymer 1~{H}-1,2,3,4-tetrazol-5-ylmethyldiazane
6 water water
#
_entity_poly.entity_id   1
_entity_poly.type   'polypeptide(L)'
_entity_poly.pdbx_seq_one_letter_code
;STGSATTTPIDSLDDAYITPVQIGTPAQTLNLDFDTGSSDLWVFSSETTASEVDGQTIYTPSKSTTAKLLSGATWSISYG
DGSSSSGDVYTDTVSVGGLTVTGQAVESAKKVSSSFTEDSTIDGLLGLAFSTLNTVSPTQQKTFFDNAKASLDSPVFTAD
LGYHAPGTYNFGFIDTTAYTGSITYTAVSTKQGFWEWTSTGYAVGSGTFKSTSIDGIADTGTTLLYLPATVVSAYWAQVS
GAKSSSSVGGYVFPCSATLPSFTFGVGSARIVIPGDYIDFGPISTGSSSCFGGIQSSAGIGINIFGDVALKAAFVVFNGA
TTPTLGFASK
;
_entity_poly.pdbx_strand_id   A
#
loop_
_chem_comp.id
_chem_comp.type
_chem_comp.name
_chem_comp.formula
DMS non-polymer 'DIMETHYL SULFOXIDE' 'C2 H6 O S'
GOL non-polymer GLYCEROL 'C3 H8 O3'
KHW non-polymer [(1~{R})-1-[1-(phenylmethyl)-1,2,3,4-tetrazol-5-yl]butyl]diazane 'C12 H18 N6'
KHZ non-polymer 1~{H}-1,2,3,4-tetrazol-5-ylmethyldiazane 'C2 H6 N6'
#
# COMPACT_ATOMS: atom_id res chain seq x y z
N SER A 1 -1.62 3.98 -23.77
CA SER A 1 -0.61 3.02 -23.24
C SER A 1 -1.17 2.30 -22.02
N THR A 2 -0.50 1.21 -21.66
CA THR A 2 -0.79 0.45 -20.47
C THR A 2 0.53 -0.05 -19.89
N GLY A 3 0.48 -0.47 -18.63
CA GLY A 3 1.56 -1.26 -18.03
C GLY A 3 0.99 -2.34 -17.13
N SER A 4 1.79 -3.37 -16.88
CA SER A 4 1.38 -4.49 -16.04
C SER A 4 2.61 -5.09 -15.39
N ALA A 5 2.66 -5.13 -14.06
CA ALA A 5 3.80 -5.63 -13.34
C ALA A 5 3.35 -6.54 -12.22
N THR A 6 4.11 -7.58 -11.98
CA THR A 6 3.86 -8.49 -10.86
C THR A 6 4.40 -7.91 -9.59
N THR A 7 3.62 -8.04 -8.52
CA THR A 7 4.01 -7.62 -7.18
C THR A 7 4.10 -8.86 -6.30
N THR A 8 5.13 -8.91 -5.46
CA THR A 8 5.49 -10.14 -4.75
C THR A 8 5.63 -9.83 -3.26
N PRO A 9 5.05 -10.65 -2.37
CA PRO A 9 5.31 -10.44 -0.95
C PRO A 9 6.78 -10.52 -0.60
N ILE A 10 7.21 -9.68 0.34
CA ILE A 10 8.62 -9.66 0.74
C ILE A 10 8.99 -10.81 1.66
N ASP A 11 8.00 -11.45 2.27
CA ASP A 11 8.25 -12.46 3.30
C ASP A 11 7.02 -13.34 3.39
N SER A 12 7.09 -14.33 4.27
CA SER A 12 6.05 -15.34 4.40
C SER A 12 4.79 -14.82 5.07
N LEU A 13 4.82 -13.59 5.59
CA LEU A 13 3.69 -12.99 6.26
C LEU A 13 2.98 -11.95 5.43
N ASP A 14 3.44 -11.67 4.21
CA ASP A 14 2.88 -10.61 3.40
C ASP A 14 3.05 -9.26 4.12
N ASP A 15 4.21 -9.04 4.72
CA ASP A 15 4.40 -7.76 5.41
C ASP A 15 4.35 -6.55 4.46
N ALA A 16 4.79 -6.74 3.24
CA ALA A 16 4.76 -5.71 2.23
C ALA A 16 4.94 -6.44 0.91
N TYR A 17 4.80 -5.71 -0.19
CA TYR A 17 4.90 -6.23 -1.53
C TYR A 17 5.88 -5.36 -2.29
N ILE A 18 6.69 -6.01 -3.12
CA ILE A 18 7.64 -5.30 -3.97
C ILE A 18 7.36 -5.57 -5.43
N THR A 19 7.59 -4.54 -6.23
CA THR A 19 7.32 -4.53 -7.65
C THR A 19 8.56 -4.00 -8.36
N PRO A 20 9.05 -4.69 -9.41
CA PRO A 20 10.25 -4.22 -10.09
C PRO A 20 9.93 -2.96 -10.89
N VAL A 21 10.86 -2.00 -10.86
CA VAL A 21 10.75 -0.72 -11.52
C VAL A 21 12.07 -0.42 -12.22
N GLN A 22 11.99 -0.06 -13.50
CA GLN A 22 13.18 0.29 -14.28
C GLN A 22 13.42 1.80 -14.19
N ILE A 23 14.61 2.20 -13.78
CA ILE A 23 14.96 3.61 -13.66
C ILE A 23 16.24 3.88 -14.47
N GLY A 24 16.21 4.91 -15.31
CA GLY A 24 17.42 5.34 -15.97
C GLY A 24 17.72 4.62 -17.26
N THR A 25 18.84 5.03 -17.85
CA THR A 25 19.31 4.52 -19.13
C THR A 25 20.81 4.26 -19.05
N PRO A 26 21.30 3.02 -19.21
CA PRO A 26 20.52 1.77 -19.28
C PRO A 26 19.70 1.61 -18.00
N ALA A 27 18.69 0.76 -18.10
CA ALA A 27 17.80 0.56 -16.96
C ALA A 27 18.57 0.04 -15.75
N GLN A 28 18.19 0.56 -14.60
CA GLN A 28 18.56 0.04 -13.28
C GLN A 28 17.26 -0.44 -12.66
N THR A 29 17.14 -1.73 -12.38
CA THR A 29 15.90 -2.27 -11.85
C THR A 29 15.97 -2.33 -10.34
N LEU A 30 15.05 -1.63 -9.68
CA LEU A 30 14.92 -1.61 -8.23
C LEU A 30 13.55 -2.17 -7.86
N ASN A 31 13.47 -2.84 -6.71
CA ASN A 31 12.20 -3.39 -6.23
C ASN A 31 11.59 -2.44 -5.24
N LEU A 32 10.50 -1.79 -5.65
CA LEU A 32 9.89 -0.72 -4.88
C LEU A 32 8.59 -1.18 -4.25
N ASP A 33 8.27 -0.55 -3.12
CA ASP A 33 7.02 -0.76 -2.40
C ASP A 33 6.01 0.26 -2.92
N PHE A 34 5.04 -0.20 -3.70
CA PHE A 34 4.02 0.69 -4.24
C PHE A 34 3.05 1.05 -3.14
N ASP A 35 2.90 2.34 -2.88
CA ASP A 35 2.24 2.83 -1.67
C ASP A 35 1.14 3.84 -2.03
N THR A 36 -0.11 3.40 -2.04
CA THR A 36 -1.24 4.28 -2.31
C THR A 36 -1.54 5.23 -1.16
N GLY A 37 -0.78 5.18 -0.08
CA GLY A 37 -0.87 6.14 0.99
C GLY A 37 0.19 7.21 1.04
N SER A 38 1.07 7.30 0.05
CA SER A 38 2.05 8.38 0.00
C SER A 38 2.32 8.73 -1.45
N SER A 39 3.16 9.76 -1.68
CA SER A 39 3.22 10.41 -2.99
C SER A 39 4.62 10.74 -3.43
N ASP A 40 5.61 10.08 -2.86
CA ASP A 40 7.01 10.24 -3.24
C ASP A 40 7.53 8.95 -3.84
N LEU A 41 8.31 9.06 -4.91
CA LEU A 41 9.06 7.94 -5.49
C LEU A 41 10.48 8.17 -5.03
N TRP A 42 10.93 7.40 -4.04
CA TRP A 42 12.26 7.56 -3.47
C TRP A 42 12.97 6.22 -3.48
N VAL A 43 14.30 6.30 -3.61
CA VAL A 43 15.12 5.12 -3.77
C VAL A 43 16.40 5.20 -2.94
N PHE A 44 16.81 4.04 -2.45
CA PHE A 44 18.19 3.87 -2.04
C PHE A 44 19.09 4.20 -3.23
N SER A 45 20.25 4.80 -2.95
CA SER A 45 21.06 5.33 -4.02
C SER A 45 22.55 5.29 -3.66
N SER A 46 23.36 5.63 -4.66
CA SER A 46 24.79 5.82 -4.45
C SER A 46 25.09 6.99 -3.50
N GLU A 47 24.10 7.81 -3.18
CA GLU A 47 24.21 8.93 -2.25
C GLU A 47 23.81 8.55 -0.84
N THR A 48 23.21 7.38 -0.62
CA THR A 48 22.74 7.04 0.71
C THR A 48 23.92 6.73 1.64
N THR A 49 23.91 7.35 2.82
CA THR A 49 24.93 7.06 3.83
C THR A 49 25.24 5.58 3.85
N ALA A 50 26.53 5.24 3.72
CA ALA A 50 26.91 3.85 3.50
C ALA A 50 26.46 2.96 4.65
N SER A 51 26.58 3.43 5.89
CA SER A 51 26.17 2.66 7.05
C SER A 51 24.68 2.37 7.08
N GLU A 52 23.91 3.06 6.28
CA GLU A 52 22.46 2.90 6.25
C GLU A 52 21.99 2.04 5.11
N VAL A 53 22.92 1.48 4.34
CA VAL A 53 22.60 0.54 3.27
C VAL A 53 23.05 -0.84 3.72
N ASP A 54 22.12 -1.83 3.68
CA ASP A 54 22.39 -3.20 4.11
C ASP A 54 21.65 -4.19 3.20
N GLY A 55 22.14 -4.35 1.99
CA GLY A 55 21.64 -5.34 1.05
C GLY A 55 20.73 -4.81 -0.03
N GLN A 56 20.26 -3.57 0.09
CA GLN A 56 19.37 -3.00 -0.93
C GLN A 56 20.13 -2.81 -2.24
N THR A 57 19.39 -2.87 -3.33
CA THR A 57 19.87 -2.42 -4.62
C THR A 57 19.75 -0.91 -4.71
N ILE A 58 20.82 -0.25 -5.19
CA ILE A 58 20.86 1.20 -5.26
C ILE A 58 20.73 1.72 -6.67
N TYR A 59 20.13 2.90 -6.77
CA TYR A 59 20.16 3.71 -7.97
C TYR A 59 21.41 4.57 -8.00
N THR A 60 22.13 4.54 -9.10
CA THR A 60 23.34 5.35 -9.28
C THR A 60 23.07 6.34 -10.41
N PRO A 61 22.66 7.56 -10.11
CA PRO A 61 22.31 8.49 -11.20
C PRO A 61 23.46 8.80 -12.13
N SER A 62 24.70 8.78 -11.66
CA SER A 62 25.82 9.11 -12.54
C SER A 62 26.00 8.09 -13.65
N LYS A 63 25.42 6.88 -13.52
CA LYS A 63 25.49 5.88 -14.56
C LYS A 63 24.29 5.90 -15.50
N SER A 64 23.35 6.82 -15.30
CA SER A 64 22.19 6.97 -16.16
C SER A 64 22.37 8.17 -17.07
N THR A 65 22.34 7.94 -18.37
CA THR A 65 22.56 9.02 -19.32
C THR A 65 21.37 9.94 -19.43
N THR A 66 20.22 9.56 -18.88
CA THR A 66 19.03 10.37 -18.88
C THR A 66 18.78 11.04 -17.54
N ALA A 67 19.58 10.78 -16.51
CA ALA A 67 19.35 11.43 -15.23
C ALA A 67 19.81 12.87 -15.26
N LYS A 68 19.05 13.74 -14.63
CA LYS A 68 19.38 15.15 -14.49
C LYS A 68 19.08 15.57 -13.06
N LEU A 69 20.04 16.19 -12.39
CA LEU A 69 19.81 16.72 -11.06
C LEU A 69 18.76 17.81 -11.14
N LEU A 70 17.75 17.75 -10.27
CA LEU A 70 16.73 18.79 -10.18
C LEU A 70 17.28 19.84 -9.22
N SER A 71 17.77 20.93 -9.78
CA SER A 71 18.58 21.86 -9.03
C SER A 71 17.86 22.44 -7.83
N GLY A 72 18.48 22.35 -6.67
CA GLY A 72 17.94 22.92 -5.47
C GLY A 72 16.88 22.11 -4.78
N ALA A 73 16.43 21.01 -5.35
CA ALA A 73 15.31 20.27 -4.81
C ALA A 73 15.76 19.29 -3.74
N THR A 74 15.00 19.26 -2.66
CA THR A 74 15.23 18.28 -1.60
C THR A 74 13.89 17.67 -1.22
N TRP A 75 13.94 16.57 -0.46
CA TRP A 75 12.74 15.92 0.02
C TRP A 75 13.01 15.34 1.39
N SER A 76 11.94 15.14 2.16
CA SER A 76 12.05 14.57 3.51
C SER A 76 10.68 14.08 3.89
N ILE A 77 10.59 12.84 4.34
CA ILE A 77 9.30 12.24 4.66
C ILE A 77 9.41 11.53 6.00
N SER A 78 8.33 11.62 6.77
CA SER A 78 8.18 10.89 8.01
C SER A 78 6.86 10.12 7.90
N TYR A 79 6.95 8.80 7.94
CA TYR A 79 5.78 7.94 7.77
C TYR A 79 5.07 7.66 9.10
N ASP A 81 4.21 5.65 10.86
CA ASP A 81 4.76 4.47 11.53
C ASP A 81 6.12 4.75 12.16
N GLY A 82 6.59 5.98 12.06
CA GLY A 82 7.82 6.38 12.72
C GLY A 82 9.07 6.34 11.86
N SER A 83 9.01 5.76 10.66
CA SER A 83 10.17 5.70 9.80
C SER A 83 10.28 7.00 9.00
N SER A 84 11.43 7.20 8.36
CA SER A 84 11.70 8.45 7.67
C SER A 84 12.87 8.28 6.69
N SER A 85 12.96 9.23 5.76
CA SER A 85 14.01 9.25 4.77
C SER A 85 14.07 10.64 4.17
N SER A 86 15.22 11.00 3.57
CA SER A 86 15.37 12.32 2.97
C SER A 86 16.53 12.31 1.97
N GLY A 87 16.54 13.33 1.09
CA GLY A 87 17.66 13.43 0.16
C GLY A 87 17.44 14.52 -0.87
N ASP A 88 18.01 14.28 -2.06
CA ASP A 88 17.97 15.18 -3.21
C ASP A 88 17.15 14.52 -4.31
N VAL A 89 17.08 15.16 -5.47
CA VAL A 89 16.09 14.78 -6.48
C VAL A 89 16.73 14.83 -7.85
N TYR A 90 16.49 13.80 -8.63
CA TYR A 90 16.80 13.72 -10.04
C TYR A 90 15.51 13.60 -10.83
N THR A 91 15.55 13.95 -12.08
CA THR A 91 14.54 13.48 -13.03
C THR A 91 15.18 12.42 -13.91
N ASP A 92 14.40 11.37 -14.25
CA ASP A 92 14.91 10.29 -15.06
C ASP A 92 13.72 9.56 -15.67
N THR A 93 14.04 8.63 -16.57
CA THR A 93 13.03 7.77 -17.18
C THR A 93 12.72 6.62 -16.26
N VAL A 94 11.42 6.41 -16.01
CA VAL A 94 10.96 5.36 -15.10
C VAL A 94 9.93 4.53 -15.83
N SER A 95 10.10 3.21 -15.80
CA SER A 95 9.16 2.31 -16.45
C SER A 95 8.67 1.25 -15.46
N VAL A 96 7.38 0.98 -15.52
CA VAL A 96 6.71 -0.02 -14.67
C VAL A 96 5.95 -0.93 -15.62
N GLY A 97 6.36 -2.18 -15.71
CA GLY A 97 5.56 -3.14 -16.46
C GLY A 97 5.34 -2.73 -17.88
N GLY A 98 6.33 -2.08 -18.52
CA GLY A 98 6.20 -1.65 -19.89
C GLY A 98 5.63 -0.26 -20.12
N LEU A 99 5.17 0.42 -19.10
CA LEU A 99 4.68 1.81 -19.18
C LEU A 99 5.83 2.73 -18.78
N THR A 100 6.17 3.68 -19.64
CA THR A 100 7.31 4.55 -19.44
C THR A 100 6.88 6.00 -19.24
N VAL A 101 7.46 6.63 -18.23
CA VAL A 101 7.35 8.06 -17.99
C VAL A 101 8.74 8.66 -18.12
N THR A 102 8.88 9.67 -18.97
CA THR A 102 10.12 10.44 -19.00
C THR A 102 10.00 11.64 -18.06
N GLY A 103 11.14 12.05 -17.50
CA GLY A 103 11.13 13.20 -16.62
C GLY A 103 10.47 12.98 -15.28
N GLN A 104 10.38 11.73 -14.82
CA GLN A 104 9.83 11.45 -13.50
C GLN A 104 10.81 11.92 -12.42
N ALA A 105 10.28 12.54 -11.36
CA ALA A 105 11.10 12.86 -10.21
C ALA A 105 11.42 11.57 -9.46
N VAL A 106 12.72 11.31 -9.33
CA VAL A 106 13.28 10.17 -8.61
C VAL A 106 14.03 10.76 -7.42
N GLU A 107 13.51 10.51 -6.23
CA GLU A 107 14.03 11.13 -5.01
C GLU A 107 15.10 10.20 -4.47
N SER A 108 16.33 10.65 -4.48
CA SER A 108 17.47 9.86 -4.08
C SER A 108 17.73 10.07 -2.60
N ALA A 109 17.75 8.96 -1.84
CA ALA A 109 17.96 9.08 -0.40
C ALA A 109 19.42 9.35 -0.07
N LYS A 110 19.64 10.39 0.72
CA LYS A 110 20.89 10.55 1.44
C LYS A 110 20.85 9.92 2.84
N LYS A 111 19.69 9.87 3.46
CA LYS A 111 19.47 9.32 4.79
C LYS A 111 18.21 8.49 4.77
N VAL A 112 18.25 7.36 5.47
CA VAL A 112 17.06 6.55 5.73
C VAL A 112 17.10 6.12 7.19
N SER A 113 15.93 5.91 7.80
CA SER A 113 15.88 5.44 9.18
C SER A 113 16.11 3.94 9.25
N SER A 114 16.29 3.47 10.49
CA SER A 114 16.78 2.11 10.72
C SER A 114 15.84 1.07 10.13
N SER A 115 14.53 1.31 10.16
N SER A 115 14.53 1.32 10.18
CA SER A 115 13.61 0.29 9.68
CA SER A 115 13.60 0.31 9.67
C SER A 115 13.74 0.06 8.17
C SER A 115 13.82 0.05 8.18
N PHE A 116 14.14 1.10 7.41
CA PHE A 116 14.44 0.91 5.99
C PHE A 116 15.74 0.15 5.82
N THR A 117 16.78 0.54 6.54
CA THR A 117 18.05 -0.17 6.45
C THR A 117 17.88 -1.65 6.73
N GLU A 118 17.08 -1.98 7.73
CA GLU A 118 16.92 -3.35 8.19
C GLU A 118 16.08 -4.19 7.27
N ASP A 119 15.46 -3.59 6.27
CA ASP A 119 14.66 -4.36 5.32
C ASP A 119 15.37 -4.43 3.97
N SER A 120 16.16 -5.47 3.79
CA SER A 120 16.98 -5.57 2.61
C SER A 120 16.19 -5.73 1.34
N THR A 121 14.92 -6.11 1.44
CA THR A 121 14.11 -6.46 0.28
C THR A 121 13.47 -5.25 -0.40
N ILE A 122 13.42 -4.10 0.26
CA ILE A 122 12.71 -2.93 -0.25
C ILE A 122 13.74 -1.87 -0.62
N ASP A 123 13.82 -1.54 -1.90
CA ASP A 123 14.81 -0.62 -2.43
C ASP A 123 14.30 0.83 -2.48
N GLY A 124 13.08 1.06 -2.04
CA GLY A 124 12.47 2.37 -2.07
C GLY A 124 10.96 2.23 -2.17
N LEU A 125 10.29 3.37 -2.29
CA LEU A 125 8.84 3.48 -2.36
C LEU A 125 8.45 4.13 -3.67
N LEU A 126 7.28 3.74 -4.19
CA LEU A 126 6.66 4.41 -5.32
C LEU A 126 5.27 4.86 -4.88
N GLY A 127 5.11 6.15 -4.63
CA GLY A 127 3.87 6.65 -4.09
C GLY A 127 2.80 6.78 -5.15
N LEU A 128 1.58 6.42 -4.76
CA LEU A 128 0.42 6.39 -5.64
C LEU A 128 -0.79 7.10 -5.03
N ALA A 129 -0.60 7.86 -3.94
CA ALA A 129 -1.61 8.78 -3.44
C ALA A 129 -1.57 10.04 -4.33
N PHE A 130 -2.28 11.10 -3.92
CA PHE A 130 -2.39 12.28 -4.76
C PHE A 130 -1.14 13.14 -4.63
N SER A 131 -0.79 13.83 -5.73
CA SER A 131 0.48 14.54 -5.77
C SER A 131 0.54 15.72 -4.79
N THR A 132 -0.60 16.15 -4.26
CA THR A 132 -0.60 17.16 -3.22
C THR A 132 0.16 16.75 -1.95
N LEU A 133 0.40 15.46 -1.73
CA LEU A 133 1.21 14.99 -0.60
C LEU A 133 2.69 14.89 -0.90
N ASN A 134 3.13 15.14 -2.14
CA ASN A 134 4.54 14.99 -2.47
C ASN A 134 5.38 15.97 -1.66
N THR A 135 6.53 15.51 -1.14
CA THR A 135 7.31 16.33 -0.21
C THR A 135 8.42 17.15 -0.86
N VAL A 136 8.61 17.07 -2.17
CA VAL A 136 9.74 17.79 -2.76
C VAL A 136 9.57 19.28 -2.57
N SER A 137 10.66 19.94 -2.20
CA SER A 137 10.70 21.37 -1.99
C SER A 137 11.90 21.94 -2.74
N PRO A 138 11.79 23.14 -3.33
CA PRO A 138 10.67 24.08 -3.20
C PRO A 138 9.58 23.90 -4.24
N THR A 139 9.74 22.94 -5.15
CA THR A 139 8.80 22.73 -6.26
C THR A 139 8.26 21.31 -6.12
N GLN A 140 7.02 21.18 -5.70
CA GLN A 140 6.40 19.87 -5.51
C GLN A 140 6.36 19.13 -6.83
N GLN A 141 6.54 17.81 -6.76
CA GLN A 141 6.62 16.96 -7.93
C GLN A 141 5.42 16.02 -8.02
N LYS A 142 5.19 15.51 -9.22
CA LYS A 142 4.06 14.63 -9.48
C LYS A 142 4.42 13.15 -9.33
N THR A 143 3.42 12.37 -8.94
CA THR A 143 3.59 10.92 -8.89
C THR A 143 3.75 10.32 -10.28
N PHE A 144 4.22 9.07 -10.28
CA PHE A 144 4.31 8.30 -11.52
C PHE A 144 2.96 8.22 -12.21
N PHE A 145 1.91 7.93 -11.44
CA PHE A 145 0.56 7.81 -12.02
C PHE A 145 0.09 9.15 -12.59
N ASP A 146 0.32 10.24 -11.84
N ASP A 146 0.29 10.24 -11.85
CA ASP A 146 -0.08 11.57 -12.29
CA ASP A 146 -0.16 11.50 -12.40
C ASP A 146 0.62 11.91 -13.61
C ASP A 146 0.59 11.80 -13.70
N ASN A 147 1.91 11.58 -13.74
CA ASN A 147 2.64 11.83 -14.97
C ASN A 147 2.17 10.94 -16.11
N ALA A 148 1.81 9.69 -15.83
CA ALA A 148 1.42 8.76 -16.87
C ALA A 148 -0.01 8.94 -17.34
N LYS A 149 -0.84 9.57 -16.52
N LYS A 149 -0.88 9.55 -16.55
CA LYS A 149 -2.29 9.47 -16.66
CA LYS A 149 -2.32 9.27 -16.74
C LYS A 149 -2.77 9.79 -18.06
C LYS A 149 -2.89 9.83 -18.04
N ALA A 150 -2.35 10.92 -18.58
CA ALA A 150 -2.86 11.40 -19.86
C ALA A 150 -2.55 10.43 -21.00
N SER A 151 -1.48 9.65 -20.87
N SER A 151 -1.48 9.65 -20.86
CA SER A 151 -1.09 8.71 -21.91
CA SER A 151 -1.01 8.70 -21.85
C SER A 151 -1.84 7.41 -21.81
C SER A 151 -1.70 7.35 -21.74
N LEU A 152 -2.39 7.10 -20.64
CA LEU A 152 -3.01 5.79 -20.43
C LEU A 152 -4.29 5.63 -21.24
N ASP A 153 -4.60 4.37 -21.59
CA ASP A 153 -5.84 4.10 -22.29
C ASP A 153 -7.06 4.54 -21.48
N SER A 154 -6.99 4.38 -20.17
CA SER A 154 -8.02 4.82 -19.21
C SER A 154 -7.26 5.30 -17.99
N PRO A 155 -7.73 6.36 -17.32
CA PRO A 155 -6.92 6.99 -16.24
C PRO A 155 -7.07 6.28 -14.90
N VAL A 156 -6.59 5.03 -14.85
CA VAL A 156 -6.81 4.14 -13.74
C VAL A 156 -5.56 3.32 -13.48
N PHE A 157 -5.45 2.82 -12.25
CA PHE A 157 -4.55 1.71 -11.97
C PHE A 157 -5.31 0.75 -11.07
N THR A 158 -4.89 -0.51 -11.06
CA THR A 158 -5.54 -1.52 -10.23
C THR A 158 -4.51 -2.25 -9.40
N ALA A 159 -4.93 -2.60 -8.19
CA ALA A 159 -4.14 -3.41 -7.26
C ALA A 159 -4.82 -4.75 -7.08
N ASP A 160 -4.07 -5.81 -7.32
CA ASP A 160 -4.56 -7.19 -7.15
C ASP A 160 -3.49 -7.94 -6.35
N LEU A 161 -3.51 -7.71 -5.03
CA LEU A 161 -2.47 -8.25 -4.16
C LEU A 161 -2.82 -9.69 -3.81
N GLY A 162 -1.79 -10.55 -3.78
CA GLY A 162 -1.98 -11.94 -3.43
C GLY A 162 -1.88 -12.22 -1.94
N TYR A 163 -2.53 -13.30 -1.51
CA TYR A 163 -2.37 -13.82 -0.15
C TYR A 163 -1.30 -14.89 -0.24
N HIS A 164 -0.15 -14.61 0.35
CA HIS A 164 0.97 -15.54 0.37
C HIS A 164 1.33 -15.95 -1.06
N ALA A 165 1.23 -15.02 -2.02
CA ALA A 165 1.41 -15.35 -3.43
C ALA A 165 1.60 -14.05 -4.20
N PRO A 166 2.17 -14.11 -5.39
CA PRO A 166 2.27 -12.89 -6.21
C PRO A 166 0.92 -12.39 -6.68
N GLY A 167 0.91 -11.15 -7.09
CA GLY A 167 -0.24 -10.46 -7.61
C GLY A 167 0.18 -9.47 -8.68
N THR A 168 -0.65 -8.48 -8.97
CA THR A 168 -0.44 -7.62 -10.12
C THR A 168 -0.87 -6.18 -9.83
N TYR A 169 -0.05 -5.23 -10.32
CA TYR A 169 -0.45 -3.85 -10.51
C TYR A 169 -0.58 -3.60 -12.01
N ASN A 170 -1.76 -3.13 -12.44
CA ASN A 170 -1.96 -2.73 -13.83
C ASN A 170 -2.23 -1.25 -13.89
N PHE A 171 -1.76 -0.63 -14.97
CA PHE A 171 -1.93 0.78 -15.25
C PHE A 171 -2.64 0.93 -16.59
N GLY A 172 -3.74 1.66 -16.60
CA GLY A 172 -4.41 2.05 -17.84
C GLY A 172 -5.49 1.15 -18.33
N PHE A 173 -5.79 0.05 -17.63
CA PHE A 173 -6.84 -0.86 -18.05
C PHE A 173 -7.30 -1.70 -16.88
N ILE A 174 -8.53 -2.18 -17.01
N ILE A 174 -8.49 -2.26 -17.02
CA ILE A 174 -9.17 -3.15 -16.14
CA ILE A 174 -9.11 -3.11 -16.01
C ILE A 174 -9.04 -4.52 -16.78
C ILE A 174 -9.23 -4.51 -16.62
N ASP A 175 -8.46 -5.46 -16.04
CA ASP A 175 -8.44 -6.84 -16.49
C ASP A 175 -9.71 -7.52 -16.00
N THR A 176 -10.66 -7.68 -16.91
CA THR A 176 -11.96 -8.23 -16.53
C THR A 176 -11.90 -9.71 -16.20
N THR A 177 -10.77 -10.37 -16.42
CA THR A 177 -10.59 -11.76 -16.01
C THR A 177 -10.07 -11.89 -14.60
N ALA A 178 -9.75 -10.78 -13.93
CA ALA A 178 -9.04 -10.84 -12.66
C ALA A 178 -9.94 -10.79 -11.45
N TYR A 179 -11.26 -10.72 -11.65
CA TYR A 179 -12.20 -10.62 -10.53
C TYR A 179 -13.45 -11.37 -10.88
N THR A 180 -14.25 -11.64 -9.86
CA THR A 180 -15.55 -12.26 -10.03
C THR A 180 -16.64 -11.20 -9.82
N GLY A 181 -17.83 -11.48 -10.36
CA GLY A 181 -18.93 -10.57 -10.18
C GLY A 181 -18.63 -9.22 -10.80
N SER A 182 -19.16 -8.16 -10.17
N SER A 182 -19.16 -8.17 -10.18
CA SER A 182 -19.02 -6.80 -10.65
CA SER A 182 -18.98 -6.81 -10.67
C SER A 182 -18.16 -5.98 -9.72
C SER A 182 -18.06 -6.03 -9.74
N ILE A 183 -17.60 -4.89 -10.27
CA ILE A 183 -16.86 -3.91 -9.49
C ILE A 183 -17.87 -2.91 -8.97
N THR A 184 -17.87 -2.70 -7.65
CA THR A 184 -18.69 -1.65 -7.04
C THR A 184 -17.83 -0.43 -6.77
N TYR A 185 -18.23 0.70 -7.35
CA TYR A 185 -17.50 1.94 -7.17
C TYR A 185 -18.08 2.75 -6.04
N THR A 186 -17.22 3.52 -5.40
CA THR A 186 -17.59 4.30 -4.22
C THR A 186 -16.83 5.63 -4.26
N ALA A 187 -17.45 6.65 -3.64
CA ALA A 187 -16.90 7.99 -3.68
C ALA A 187 -15.58 8.11 -2.92
N VAL A 188 -14.75 9.02 -3.39
CA VAL A 188 -13.46 9.32 -2.79
C VAL A 188 -13.40 10.80 -2.43
N SER A 189 -12.85 11.10 -1.25
CA SER A 189 -12.43 12.44 -0.91
C SER A 189 -10.92 12.57 -1.04
N THR A 190 -10.47 13.55 -1.82
CA THR A 190 -9.05 13.79 -1.99
C THR A 190 -8.54 14.89 -1.05
N LYS A 191 -9.37 15.36 -0.11
CA LYS A 191 -9.03 16.54 0.66
C LYS A 191 -7.81 16.34 1.57
N GLN A 192 -7.51 15.12 1.99
CA GLN A 192 -6.31 14.85 2.77
C GLN A 192 -5.21 14.23 1.92
N GLY A 193 -5.39 14.17 0.60
CA GLY A 193 -4.40 13.64 -0.30
C GLY A 193 -4.42 12.14 -0.49
N PHE A 194 -5.36 11.44 0.16
CA PHE A 194 -5.43 9.99 0.16
C PHE A 194 -6.60 9.54 -0.71
N TRP A 195 -6.58 8.22 -0.99
CA TRP A 195 -7.73 7.54 -1.54
C TRP A 195 -8.70 7.22 -0.40
N GLU A 196 -9.42 8.26 0.07
CA GLU A 196 -10.24 8.19 1.26
C GLU A 196 -11.67 7.93 0.85
N TRP A 197 -12.31 6.97 1.48
CA TRP A 197 -13.64 6.49 1.13
C TRP A 197 -14.37 6.08 2.40
N THR A 198 -15.64 5.72 2.26
CA THR A 198 -16.46 5.35 3.42
C THR A 198 -17.04 3.97 3.18
N SER A 199 -16.60 3.01 3.99
CA SER A 199 -17.21 1.68 4.00
C SER A 199 -18.59 1.75 4.64
N THR A 200 -19.49 0.90 4.19
CA THR A 200 -20.86 0.86 4.65
C THR A 200 -21.10 -0.06 5.84
N GLY A 201 -20.08 -0.79 6.32
CA GLY A 201 -20.24 -1.56 7.55
C GLY A 201 -19.41 -2.81 7.54
N TYR A 202 -19.74 -3.72 8.46
CA TYR A 202 -18.91 -4.89 8.62
C TYR A 202 -19.72 -6.04 9.20
N ALA A 203 -19.13 -7.23 9.08
CA ALA A 203 -19.61 -8.42 9.78
C ALA A 203 -18.40 -9.19 10.27
N VAL A 204 -18.58 -9.95 11.35
CA VAL A 204 -17.56 -10.84 11.91
C VAL A 204 -18.03 -12.27 11.68
N GLY A 205 -17.22 -13.06 10.98
CA GLY A 205 -17.56 -14.44 10.68
C GLY A 205 -18.91 -14.51 10.02
N SER A 206 -19.74 -15.42 10.51
N SER A 206 -19.75 -15.43 10.49
CA SER A 206 -21.06 -15.66 9.97
CA SER A 206 -21.08 -15.61 9.90
C SER A 206 -22.11 -14.77 10.62
C SER A 206 -22.11 -14.66 10.50
N GLY A 207 -21.68 -13.74 11.36
CA GLY A 207 -22.58 -12.85 12.05
C GLY A 207 -23.31 -11.87 11.14
N THR A 208 -24.29 -11.21 11.72
N THR A 208 -24.31 -11.23 11.73
CA THR A 208 -25.10 -10.27 10.95
CA THR A 208 -25.08 -10.21 11.05
C THR A 208 -24.32 -9.00 10.63
C THR A 208 -24.18 -9.09 10.56
N PHE A 209 -24.56 -8.48 9.44
CA PHE A 209 -23.88 -7.28 8.97
C PHE A 209 -24.37 -6.07 9.76
N LYS A 210 -23.43 -5.29 10.26
CA LYS A 210 -23.70 -4.03 10.93
C LYS A 210 -23.52 -2.89 9.96
N SER A 211 -24.61 -2.17 9.67
N SER A 211 -24.59 -2.12 9.74
CA SER A 211 -24.53 -1.03 8.79
CA SER A 211 -24.58 -1.00 8.80
C SER A 211 -24.04 0.16 9.60
C SER A 211 -24.10 0.24 9.53
N THR A 212 -22.89 0.71 9.20
CA THR A 212 -22.28 1.83 9.89
C THR A 212 -21.21 2.40 8.97
N SER A 213 -21.13 3.71 8.92
CA SER A 213 -20.15 4.36 8.06
C SER A 213 -18.76 4.36 8.68
N ILE A 214 -17.76 3.88 7.93
CA ILE A 214 -16.39 3.81 8.39
C ILE A 214 -15.53 4.51 7.34
N ASP A 215 -15.17 5.76 7.60
N ASP A 215 -15.06 5.71 7.67
CA ASP A 215 -14.24 6.47 6.74
CA ASP A 215 -14.24 6.50 6.78
C ASP A 215 -12.86 5.85 6.89
C ASP A 215 -12.78 6.06 6.90
N GLY A 216 -12.15 5.72 5.79
CA GLY A 216 -10.76 5.29 5.88
C GLY A 216 -10.08 5.43 4.55
N ILE A 217 -8.81 5.00 4.51
CA ILE A 217 -8.01 5.13 3.30
C ILE A 217 -7.65 3.77 2.75
N ALA A 218 -7.61 3.66 1.42
CA ALA A 218 -7.10 2.46 0.75
C ALA A 218 -5.60 2.62 0.60
N ASP A 219 -4.83 1.82 1.37
CA ASP A 219 -3.39 2.05 1.54
C ASP A 219 -2.59 0.77 1.34
N THR A 220 -2.07 0.58 0.14
CA THR A 220 -1.26 -0.60 -0.15
C THR A 220 0.04 -0.63 0.63
N GLY A 221 0.50 0.50 1.12
CA GLY A 221 1.72 0.56 1.91
C GLY A 221 1.59 0.30 3.38
N THR A 222 0.39 -0.03 3.86
CA THR A 222 0.17 -0.42 5.24
C THR A 222 -0.17 -1.91 5.25
N THR A 223 0.47 -2.67 6.15
CA THR A 223 0.28 -4.12 6.17
C THR A 223 -1.11 -4.51 6.62
N LEU A 224 -1.56 -3.93 7.73
CA LEU A 224 -2.72 -4.40 8.48
C LEU A 224 -3.98 -3.57 8.20
N LEU A 225 -5.08 -4.00 8.79
CA LEU A 225 -6.38 -3.34 8.72
C LEU A 225 -6.62 -2.65 10.06
N TYR A 226 -6.68 -1.32 10.04
CA TYR A 226 -6.83 -0.50 11.23
C TYR A 226 -8.22 0.12 11.23
N LEU A 227 -9.03 -0.22 12.23
CA LEU A 227 -10.44 0.13 12.28
C LEU A 227 -10.79 0.66 13.66
N PRO A 228 -11.99 1.23 13.83
CA PRO A 228 -12.35 1.80 15.13
C PRO A 228 -12.33 0.74 16.21
N ALA A 229 -12.04 1.18 17.44
CA ALA A 229 -11.89 0.25 18.56
C ALA A 229 -13.12 -0.60 18.77
N THR A 230 -14.33 -0.05 18.57
CA THR A 230 -15.54 -0.84 18.75
C THR A 230 -15.57 -2.02 17.81
N VAL A 231 -15.23 -1.79 16.54
CA VAL A 231 -15.25 -2.82 15.51
C VAL A 231 -14.23 -3.90 15.82
N VAL A 232 -13.02 -3.45 16.17
CA VAL A 232 -11.92 -4.37 16.46
C VAL A 232 -12.22 -5.22 17.70
N SER A 233 -12.82 -4.63 18.74
CA SER A 233 -13.20 -5.39 19.91
C SER A 233 -14.22 -6.46 19.55
N ALA A 234 -15.21 -6.09 18.72
CA ALA A 234 -16.22 -7.05 18.30
C ALA A 234 -15.60 -8.23 17.54
N TYR A 235 -14.59 -7.96 16.72
CA TYR A 235 -13.92 -9.05 16.01
C TYR A 235 -13.20 -9.99 16.99
N TRP A 236 -12.31 -9.44 17.82
CA TRP A 236 -11.45 -10.27 18.66
C TRP A 236 -12.23 -10.96 19.77
N ALA A 237 -13.40 -10.44 20.13
CA ALA A 237 -14.26 -11.12 21.08
C ALA A 237 -14.69 -12.49 20.60
N GLN A 238 -14.63 -12.74 19.29
CA GLN A 238 -15.00 -14.03 18.73
C GLN A 238 -13.85 -15.03 18.73
N VAL A 239 -12.68 -14.65 19.25
CA VAL A 239 -11.49 -15.50 19.26
C VAL A 239 -11.11 -15.81 20.71
N SER A 240 -11.30 -17.05 21.13
N SER A 240 -11.26 -17.08 21.10
CA SER A 240 -11.08 -17.38 22.53
CA SER A 240 -10.97 -17.46 22.47
C SER A 240 -9.61 -17.20 22.89
C SER A 240 -9.53 -17.12 22.82
N GLY A 241 -9.36 -16.41 23.93
CA GLY A 241 -8.04 -16.10 24.40
C GLY A 241 -7.41 -14.88 23.79
N ALA A 242 -8.06 -14.22 22.84
CA ALA A 242 -7.50 -13.00 22.28
C ALA A 242 -7.57 -11.85 23.29
N LYS A 243 -6.58 -10.96 23.25
CA LYS A 243 -6.52 -9.85 24.19
C LYS A 243 -5.74 -8.73 23.54
N SER A 244 -6.01 -7.51 23.96
CA SER A 244 -5.15 -6.39 23.59
C SER A 244 -3.99 -6.29 24.56
N SER A 245 -2.79 -6.37 24.04
CA SER A 245 -1.57 -6.36 24.82
C SER A 245 -0.89 -5.00 24.67
N SER A 246 -0.83 -4.25 25.77
CA SER A 246 -0.09 -2.99 25.77
C SER A 246 1.40 -3.20 25.49
N SER A 247 1.97 -4.28 26.01
CA SER A 247 3.40 -4.52 25.86
C SER A 247 3.75 -4.92 24.44
N VAL A 248 2.89 -5.68 23.79
CA VAL A 248 3.16 -6.06 22.40
C VAL A 248 2.78 -4.95 21.44
N GLY A 249 1.73 -4.18 21.76
CA GLY A 249 1.26 -3.11 20.90
C GLY A 249 0.01 -3.40 20.08
N GLY A 250 -0.82 -4.33 20.50
CA GLY A 250 -2.06 -4.55 19.82
C GLY A 250 -2.67 -5.86 20.27
N TYR A 251 -3.68 -6.29 19.54
CA TYR A 251 -4.34 -7.54 19.80
C TYR A 251 -3.47 -8.71 19.39
N VAL A 252 -3.41 -9.68 20.29
CA VAL A 252 -2.72 -10.93 20.12
C VAL A 252 -3.72 -12.03 20.38
N PHE A 253 -3.41 -13.22 19.90
CA PHE A 253 -4.32 -14.36 20.04
C PHE A 253 -3.53 -15.66 20.06
N PRO A 254 -4.10 -16.72 20.58
CA PRO A 254 -3.37 -17.98 20.62
C PRO A 254 -3.09 -18.49 19.21
N CYS A 255 -1.86 -18.90 18.97
CA CYS A 255 -1.51 -19.36 17.64
C CYS A 255 -2.31 -20.59 17.24
N SER A 256 -2.88 -21.33 18.21
CA SER A 256 -3.71 -22.49 17.95
C SER A 256 -5.11 -22.14 17.46
N ALA A 257 -5.51 -20.88 17.48
CA ALA A 257 -6.85 -20.51 17.07
C ALA A 257 -7.05 -20.61 15.55
N THR A 258 -8.29 -20.90 15.17
CA THR A 258 -8.79 -20.69 13.82
C THR A 258 -9.57 -19.39 13.82
N LEU A 259 -9.17 -18.42 13.04
CA LEU A 259 -9.78 -17.09 13.07
C LEU A 259 -11.04 -17.02 12.22
N PRO A 260 -12.01 -16.22 12.66
CA PRO A 260 -13.19 -15.95 11.82
C PRO A 260 -12.84 -14.98 10.69
N SER A 261 -13.63 -15.04 9.62
CA SER A 261 -13.52 -14.05 8.57
C SER A 261 -13.98 -12.67 9.06
N PHE A 262 -13.68 -11.66 8.26
CA PHE A 262 -14.17 -10.30 8.49
C PHE A 262 -14.68 -9.77 7.16
N THR A 263 -15.91 -9.27 7.15
CA THR A 263 -16.49 -8.70 5.94
C THR A 263 -16.58 -7.20 6.07
N PHE A 264 -16.24 -6.47 5.00
CA PHE A 264 -16.49 -5.03 4.97
C PHE A 264 -17.39 -4.68 3.80
N GLY A 265 -18.17 -3.63 3.98
CA GLY A 265 -19.11 -3.17 2.94
C GLY A 265 -18.50 -2.12 2.02
N VAL A 266 -18.86 -2.25 0.75
CA VAL A 266 -18.56 -1.27 -0.29
C VAL A 266 -19.90 -1.01 -0.95
N GLY A 267 -20.55 0.10 -0.61
CA GLY A 267 -21.94 0.23 -1.03
C GLY A 267 -22.75 -0.95 -0.54
N SER A 268 -23.55 -1.51 -1.43
CA SER A 268 -24.34 -2.70 -1.12
C SER A 268 -23.54 -3.99 -1.26
N ALA A 269 -22.30 -3.92 -1.75
CA ALA A 269 -21.47 -5.10 -1.95
C ALA A 269 -20.69 -5.42 -0.68
N ARG A 270 -20.11 -6.61 -0.67
CA ARG A 270 -19.45 -7.13 0.52
C ARG A 270 -18.15 -7.78 0.08
N ILE A 271 -17.05 -7.46 0.77
CA ILE A 271 -15.74 -8.09 0.55
C ILE A 271 -15.44 -8.90 1.81
N VAL A 272 -15.15 -10.19 1.62
CA VAL A 272 -14.89 -11.09 2.71
C VAL A 272 -13.39 -11.36 2.81
N ILE A 273 -12.84 -11.03 3.97
CA ILE A 273 -11.44 -11.32 4.30
C ILE A 273 -11.43 -12.66 5.04
N PRO A 274 -10.86 -13.72 4.46
CA PRO A 274 -10.79 -15.00 5.19
C PRO A 274 -10.00 -14.88 6.49
N GLY A 275 -10.40 -15.68 7.48
CA GLY A 275 -9.71 -15.64 8.76
C GLY A 275 -8.22 -15.79 8.65
N ASP A 276 -7.73 -16.68 7.77
CA ASP A 276 -6.29 -16.90 7.74
C ASP A 276 -5.54 -15.63 7.32
N TYR A 277 -6.18 -14.69 6.61
CA TYR A 277 -5.51 -13.46 6.21
C TYR A 277 -5.18 -12.57 7.40
N ILE A 278 -5.80 -12.86 8.55
CA ILE A 278 -5.72 -12.03 9.75
C ILE A 278 -4.67 -12.56 10.71
N ASP A 279 -4.00 -13.67 10.36
CA ASP A 279 -2.95 -14.23 11.20
C ASP A 279 -1.58 -13.72 10.75
N PHE A 280 -0.88 -12.99 11.64
CA PHE A 280 0.45 -12.48 11.35
C PHE A 280 1.53 -13.19 12.16
N GLY A 281 1.23 -14.37 12.67
CA GLY A 281 2.23 -15.25 13.20
C GLY A 281 2.77 -14.85 14.56
N PRO A 282 3.72 -15.63 15.07
CA PRO A 282 4.19 -15.44 16.45
C PRO A 282 4.72 -14.04 16.68
N ILE A 283 4.47 -13.52 17.89
CA ILE A 283 4.91 -12.17 18.24
C ILE A 283 6.41 -12.08 18.28
N SER A 284 7.08 -13.18 18.59
CA SER A 284 8.52 -13.32 18.62
C SER A 284 8.80 -14.77 18.27
N THR A 285 9.98 -15.05 17.76
CA THR A 285 10.26 -16.39 17.29
C THR A 285 10.03 -17.44 18.37
N GLY A 286 9.26 -18.46 18.03
CA GLY A 286 8.96 -19.54 18.93
C GLY A 286 7.80 -19.30 19.89
N SER A 287 7.21 -18.11 19.92
CA SER A 287 6.10 -17.85 20.80
C SER A 287 4.85 -18.53 20.28
N SER A 288 3.94 -18.89 21.22
CA SER A 288 2.61 -19.36 20.88
C SER A 288 1.55 -18.27 20.92
N SER A 289 1.95 -17.02 21.10
N SER A 289 1.96 -17.02 21.09
CA SER A 289 1.08 -15.88 20.97
CA SER A 289 1.07 -15.88 20.96
C SER A 289 1.31 -15.29 19.60
C SER A 289 1.30 -15.23 19.60
N CYS A 290 0.22 -15.03 18.87
CA CYS A 290 0.28 -14.57 17.49
C CYS A 290 -0.30 -13.16 17.39
N PHE A 291 0.22 -12.39 16.43
CA PHE A 291 -0.20 -11.01 16.24
C PHE A 291 -1.38 -10.93 15.28
N GLY A 292 -2.39 -10.15 15.67
CA GLY A 292 -3.57 -10.01 14.83
C GLY A 292 -3.41 -9.04 13.68
N GLY A 293 -4.16 -9.33 12.60
CA GLY A 293 -4.13 -8.50 11.41
C GLY A 293 -5.17 -7.41 11.32
N ILE A 294 -6.05 -7.35 12.32
CA ILE A 294 -7.03 -6.31 12.51
C ILE A 294 -6.70 -5.65 13.84
N GLN A 295 -6.44 -4.35 13.80
CA GLN A 295 -5.96 -3.60 14.95
C GLN A 295 -6.73 -2.28 15.05
N SER A 296 -6.74 -1.70 16.25
CA SER A 296 -7.41 -0.43 16.44
C SER A 296 -6.69 0.72 15.76
N SER A 297 -7.47 1.62 15.16
CA SER A 297 -6.95 2.85 14.63
C SER A 297 -6.93 3.97 15.67
N ALA A 298 -7.34 3.70 16.91
CA ALA A 298 -7.41 4.79 17.90
C ALA A 298 -6.00 5.35 18.07
N GLY A 299 -5.86 6.65 17.99
CA GLY A 299 -4.52 7.20 18.07
C GLY A 299 -3.75 7.27 16.78
N ILE A 300 -4.23 6.64 15.69
CA ILE A 300 -3.73 6.99 14.36
C ILE A 300 -4.41 8.24 13.87
N GLY A 301 -5.70 8.37 14.13
CA GLY A 301 -6.46 9.48 13.63
C GLY A 301 -7.18 9.20 12.34
N ILE A 302 -6.98 8.02 11.75
CA ILE A 302 -7.64 7.64 10.51
C ILE A 302 -7.73 6.12 10.48
N ASN A 303 -8.79 5.61 9.87
CA ASN A 303 -8.89 4.18 9.62
C ASN A 303 -8.13 3.84 8.34
N ILE A 304 -7.50 2.67 8.33
CA ILE A 304 -6.64 2.29 7.22
C ILE A 304 -7.03 0.92 6.71
N PHE A 305 -7.50 0.86 5.46
CA PHE A 305 -7.75 -0.39 4.76
C PHE A 305 -6.43 -0.76 4.09
N GLY A 306 -5.55 -1.39 4.86
CA GLY A 306 -4.25 -1.84 4.39
C GLY A 306 -4.34 -3.17 3.68
N ASP A 307 -3.16 -3.80 3.53
CA ASP A 307 -3.06 -4.98 2.68
C ASP A 307 -3.97 -6.13 3.11
N VAL A 308 -4.19 -6.32 4.42
CA VAL A 308 -5.11 -7.35 4.90
C VAL A 308 -6.46 -7.24 4.21
N ALA A 309 -7.00 -6.03 4.10
CA ALA A 309 -8.27 -5.83 3.42
C ALA A 309 -8.11 -5.85 1.91
N LEU A 310 -7.11 -5.12 1.39
CA LEU A 310 -7.04 -4.95 -0.06
C LEU A 310 -6.75 -6.26 -0.78
N LYS A 311 -5.98 -7.16 -0.15
CA LYS A 311 -5.62 -8.40 -0.85
C LYS A 311 -6.80 -9.34 -0.98
N ALA A 312 -7.92 -9.09 -0.25
CA ALA A 312 -9.16 -9.84 -0.45
C ALA A 312 -9.97 -9.35 -1.64
N ALA A 313 -9.51 -8.32 -2.34
CA ALA A 313 -10.29 -7.71 -3.41
C ALA A 313 -9.41 -7.41 -4.61
N PHE A 314 -10.09 -7.16 -5.72
CA PHE A 314 -9.53 -6.49 -6.88
C PHE A 314 -9.93 -5.02 -6.75
N VAL A 315 -8.94 -4.11 -6.70
CA VAL A 315 -9.20 -2.73 -6.32
C VAL A 315 -8.83 -1.81 -7.48
N VAL A 316 -9.77 -0.98 -7.88
CA VAL A 316 -9.61 0.01 -8.94
C VAL A 316 -9.41 1.39 -8.33
N PHE A 317 -8.28 2.02 -8.65
CA PHE A 317 -7.97 3.40 -8.27
C PHE A 317 -8.26 4.23 -9.52
N ASN A 318 -9.44 4.81 -9.54
CA ASN A 318 -9.94 5.53 -10.73
C ASN A 318 -9.56 7.00 -10.61
N GLY A 319 -8.58 7.42 -11.40
CA GLY A 319 -8.10 8.78 -11.40
C GLY A 319 -8.71 9.68 -12.47
N ALA A 320 -9.96 9.42 -12.78
CA ALA A 320 -10.76 10.36 -13.57
C ALA A 320 -10.89 11.70 -12.86
N THR A 321 -11.45 12.67 -13.59
CA THR A 321 -11.56 14.04 -13.08
C THR A 321 -12.12 14.08 -11.67
N THR A 322 -13.17 13.31 -11.41
CA THR A 322 -13.60 13.04 -10.04
C THR A 322 -13.15 11.64 -9.68
N PRO A 323 -12.12 11.47 -8.86
CA PRO A 323 -11.65 10.11 -8.59
C PRO A 323 -12.70 9.28 -7.84
N THR A 324 -12.66 7.97 -8.07
CA THR A 324 -13.47 7.01 -7.32
C THR A 324 -12.61 5.77 -7.03
N LEU A 325 -13.07 4.91 -6.10
N LEU A 325 -13.18 4.83 -6.29
CA LEU A 325 -12.48 3.59 -5.89
CA LEU A 325 -12.48 3.63 -5.88
C LEU A 325 -13.49 2.54 -6.32
C LEU A 325 -13.43 2.47 -6.11
N GLY A 326 -12.99 1.44 -6.84
CA GLY A 326 -13.80 0.28 -7.09
C GLY A 326 -13.27 -0.96 -6.38
N PHE A 327 -14.18 -1.81 -5.93
CA PHE A 327 -13.81 -3.06 -5.29
C PHE A 327 -14.63 -4.18 -5.90
N ALA A 328 -13.97 -5.30 -6.21
CA ALA A 328 -14.61 -6.54 -6.59
C ALA A 328 -14.03 -7.68 -5.78
N SER A 329 -14.86 -8.71 -5.56
CA SER A 329 -14.35 -9.99 -5.06
C SER A 329 -13.52 -10.68 -6.15
N LYS A 330 -12.73 -11.68 -5.75
CA LYS A 330 -11.88 -12.35 -6.72
C LYS A 330 -11.60 -13.77 -6.33
C1 GOL B . -12.00 -13.08 -2.50
O1 GOL B . -12.73 -11.85 -2.74
C2 GOL B . -11.79 -13.23 -0.96
O2 GOL B . -13.04 -13.31 -0.34
C3 GOL B . -10.87 -14.45 -0.74
O3 GOL B . -11.55 -15.62 -1.14
N1 KHW C . 1.26 4.22 3.54
C2 KHW C . -0.44 6.78 5.57
C3 KHW C . 0.40 5.52 5.34
C4 KHW C . 1.51 5.44 6.37
C5 KHW C . 0.88 3.38 7.77
C6 KHW C . 0.61 3.35 9.25
C7 KHW C . 0.69 4.51 10.01
N KHW C . 1.01 5.55 3.99
C KHW C . -1.92 8.10 7.14
C1 KHW C . -1.12 6.83 6.94
C10 KHW C . 0.07 2.12 11.25
C11 KHW C . 0.29 2.16 9.88
C8 KHW C . 0.46 4.46 11.38
C9 KHW C . 0.15 3.27 11.99
N2 KHW C . 2.50 6.31 6.42
N3 KHW C . 3.28 5.91 7.45
N4 KHW C . 2.81 4.84 8.01
N5 KHW C . 1.69 4.53 7.34
S DMS D . 11.21 -5.58 -19.42
O DMS D . 11.97 -4.32 -19.76
C1 DMS D . 11.51 -5.93 -17.69
C2 DMS D . 9.44 -5.26 -19.49
C1 KHZ E . 5.02 -9.34 15.75
N KHZ E . 3.26 -8.69 13.49
C KHZ E . 4.62 -10.28 14.62
N1 KHZ E . 4.43 -9.48 13.39
N2 KHZ E . 6.17 -8.68 15.85
N3 KHZ E . 6.11 -8.00 17.02
N4 KHZ E . 4.98 -8.21 17.62
N5 KHZ E . 4.28 -9.05 16.82
#